data_4P7L
#
_entry.id   4P7L
#
_cell.length_a   41.764
_cell.length_b   78.213
_cell.length_c   97.924
_cell.angle_alpha   90.000
_cell.angle_beta   90.000
_cell.angle_gamma   90.000
#
_symmetry.space_group_name_H-M   'P 21 21 21'
#
loop_
_entity.id
_entity.type
_entity.pdbx_description
1 polymer 'Poly-beta-1,6-N-acetyl-D-glucosamine N-deacetylase'
2 non-polymer 1,2-ETHANEDIOL
3 non-polymer 'CHLORIDE ION'
4 water water
#
_entity_poly.entity_id   1
_entity_poly.type   'polypeptide(L)'
_entity_poly.pdbx_seq_one_letter_code
;GSHMEKSPQRIMHIDLDYVYDENLQQMDRNIDVLIQRVKDMQISTVYLQAFADPDGDGLVKEVWFPNRLLPMKADIFSRV
AWQLRTRSGVNIYAWMPVLSWDLDPTLTRVKYLPTGEKKAQIHPEQYHRLSPFDDRVRAQVGMLYEDLAGHAAFDGILFH
DDALLSDYEDASAPAITAYQQAGFSGSLSEIRQNPEQFKQWARFKSRALTDFTLELSARVKAIRGPHIKTARNIFALPVI
QPESEAWFAQNYADFLKSYDWTAIMAMPYLEGVAEKSADQWLIQLTNQIKNIPQAKDKSILELQAQNWQKNGQHQAISSQ
QLAHWMSLLQLNGVKNYGYYPDNFLHNQPEIDLIRPEFSTAWYPKND
;
_entity_poly.pdbx_strand_id   A
#
loop_
_chem_comp.id
_chem_comp.type
_chem_comp.name
_chem_comp.formula
CL non-polymer 'CHLORIDE ION' 'Cl -1'
EDO non-polymer 1,2-ETHANEDIOL 'C2 H6 O2'
#
# COMPACT_ATOMS: atom_id res chain seq x y z
N GLU A 5 5.04 -14.92 13.31
CA GLU A 5 4.05 -15.18 12.26
C GLU A 5 4.24 -16.55 11.61
N LYS A 6 3.44 -17.52 12.04
CA LYS A 6 3.50 -18.86 11.46
C LYS A 6 2.70 -18.93 10.17
N SER A 7 3.26 -19.59 9.16
CA SER A 7 2.70 -19.63 7.82
C SER A 7 1.44 -20.51 7.73
N PRO A 8 0.63 -20.33 6.67
CA PRO A 8 0.71 -19.29 5.63
C PRO A 8 0.04 -17.98 6.02
N GLN A 9 0.49 -16.89 5.41
CA GLN A 9 -0.15 -15.60 5.64
C GLN A 9 -1.39 -15.47 4.76
N ARG A 10 -2.48 -15.07 5.40
CA ARG A 10 -3.77 -14.94 4.73
C ARG A 10 -4.36 -13.63 5.19
N ILE A 11 -4.45 -12.66 4.26
CA ILE A 11 -4.66 -11.26 4.64
C ILE A 11 -6.02 -10.73 4.19
N MET A 12 -6.75 -10.10 5.10
CA MET A 12 -7.88 -9.26 4.74
C MET A 12 -7.42 -7.81 4.81
N HIS A 13 -7.63 -7.07 3.74
CA HIS A 13 -7.16 -5.68 3.64
C HIS A 13 -8.40 -4.80 3.76
N ILE A 14 -8.50 -4.06 4.85
CA ILE A 14 -9.80 -3.51 5.29
C ILE A 14 -9.83 -1.99 5.46
N ASP A 15 -10.79 -1.34 4.81
CA ASP A 15 -11.02 0.11 4.97
C ASP A 15 -11.98 0.36 6.11
N LEU A 16 -11.75 1.41 6.90
CA LEU A 16 -12.69 1.73 7.98
C LEU A 16 -13.73 2.77 7.57
N ASP A 17 -13.63 3.28 6.35
CA ASP A 17 -14.64 4.22 5.84
C ASP A 17 -16.04 3.62 5.95
N TYR A 18 -16.12 2.32 5.67
CA TYR A 18 -17.37 1.57 5.67
C TYR A 18 -17.94 1.43 7.06
N VAL A 19 -17.04 1.40 8.03
CA VAL A 19 -17.38 1.13 9.42
C VAL A 19 -17.84 2.40 10.10
N TYR A 20 -17.21 3.50 9.73
CA TYR A 20 -17.57 4.81 10.23
C TYR A 20 -19.06 5.13 10.02
N ASP A 21 -19.69 5.72 11.04
CA ASP A 21 -21.04 6.27 10.91
C ASP A 21 -21.18 7.45 11.85
N GLU A 22 -21.90 8.49 11.44
CA GLU A 22 -22.13 9.64 12.30
C GLU A 22 -22.92 9.25 13.53
N ASN A 23 -23.70 8.19 13.41
CA ASN A 23 -24.46 7.67 14.54
C ASN A 23 -23.58 6.72 15.34
N LEU A 24 -23.25 7.10 16.57
CA LEU A 24 -22.28 6.34 17.35
C LEU A 24 -22.74 4.91 17.56
N GLN A 25 -24.05 4.75 17.77
CA GLN A 25 -24.61 3.44 18.04
C GLN A 25 -24.58 2.55 16.80
N GLN A 26 -24.77 3.17 15.63
CA GLN A 26 -24.62 2.41 14.39
C GLN A 26 -23.17 2.00 14.19
N MET A 27 -22.25 2.92 14.46
CA MET A 27 -20.83 2.61 14.33
C MET A 27 -20.44 1.46 15.27
N ASP A 28 -21.03 1.46 16.46
CA ASP A 28 -20.87 0.39 17.44
C ASP A 28 -21.23 -0.97 16.82
N ARG A 29 -22.41 -1.03 16.24
CA ARG A 29 -22.86 -2.30 15.65
C ARG A 29 -21.98 -2.68 14.47
N ASN A 30 -21.60 -1.71 13.64
CA ASN A 30 -20.73 -1.98 12.51
C ASN A 30 -19.41 -2.62 12.93
N ILE A 31 -18.76 -2.02 13.92
CA ILE A 31 -17.51 -2.57 14.45
C ILE A 31 -17.71 -3.99 14.98
N ASP A 32 -18.80 -4.21 15.71
CA ASP A 32 -19.06 -5.54 16.25
C ASP A 32 -19.21 -6.58 15.12
N VAL A 33 -19.91 -6.20 14.05
CA VAL A 33 -20.13 -7.12 12.93
C VAL A 33 -18.80 -7.38 12.22
N LEU A 34 -17.98 -6.34 12.06
CA LEU A 34 -16.68 -6.50 11.43
C LEU A 34 -15.77 -7.43 12.25
N ILE A 35 -15.75 -7.25 13.57
CA ILE A 35 -14.90 -8.08 14.45
C ILE A 35 -15.29 -9.55 14.29
N GLN A 36 -16.59 -9.80 14.32
CA GLN A 36 -17.12 -11.16 14.16
C GLN A 36 -16.80 -11.73 12.78
N ARG A 37 -16.91 -10.88 11.75
CA ARG A 37 -16.62 -11.31 10.39
C ARG A 37 -15.18 -11.78 10.24
N VAL A 38 -14.23 -10.96 10.69
CA VAL A 38 -12.82 -11.37 10.66
C VAL A 38 -12.60 -12.64 11.48
N LYS A 39 -13.21 -12.72 12.66
CA LYS A 39 -13.09 -13.92 13.49
C LYS A 39 -13.54 -15.16 12.72
N ASP A 40 -14.70 -15.03 12.07
CA ASP A 40 -15.31 -16.14 11.32
C ASP A 40 -14.48 -16.56 10.10
N MET A 41 -13.77 -15.61 9.52
CA MET A 41 -12.95 -15.90 8.32
C MET A 41 -11.82 -16.84 8.67
N GLN A 42 -11.32 -16.74 9.90
CA GLN A 42 -10.22 -17.57 10.39
C GLN A 42 -8.98 -17.48 9.50
N ILE A 43 -8.41 -16.27 9.43
CA ILE A 43 -7.18 -16.07 8.68
C ILE A 43 -6.13 -15.44 9.62
N SER A 44 -4.98 -15.00 9.09
CA SER A 44 -3.85 -14.69 9.96
C SER A 44 -3.68 -13.19 10.25
N THR A 45 -4.06 -12.35 9.30
CA THR A 45 -3.63 -10.97 9.27
C THR A 45 -4.64 -10.02 8.67
N VAL A 46 -4.79 -8.86 9.29
CA VAL A 46 -5.57 -7.78 8.70
C VAL A 46 -4.69 -6.55 8.44
N TYR A 47 -4.73 -6.04 7.22
CA TYR A 47 -4.12 -4.77 6.90
C TYR A 47 -5.21 -3.72 7.13
N LEU A 48 -5.04 -2.89 8.17
CA LEU A 48 -6.15 -2.03 8.63
C LEU A 48 -5.90 -0.55 8.34
N GLN A 49 -6.77 0.02 7.53
CA GLN A 49 -6.73 1.44 7.17
C GLN A 49 -6.66 2.37 8.38
N ALA A 50 -5.63 3.22 8.45
CA ALA A 50 -5.49 4.12 9.60
C ALA A 50 -5.91 5.55 9.25
N PHE A 51 -6.17 5.78 7.97
CA PHE A 51 -6.51 7.09 7.40
C PHE A 51 -7.93 7.07 6.84
N ALA A 52 -8.59 8.22 6.77
CA ALA A 52 -9.91 8.28 6.11
C ALA A 52 -9.73 8.52 4.61
N ASP A 53 -10.56 7.87 3.80
CA ASP A 53 -10.55 8.09 2.36
C ASP A 53 -11.96 8.01 1.78
N PRO A 54 -12.87 8.87 2.24
CA PRO A 54 -14.27 8.76 1.84
C PRO A 54 -14.55 9.11 0.38
N ASP A 55 -13.57 9.63 -0.34
CA ASP A 55 -13.81 10.07 -1.71
C ASP A 55 -12.82 9.49 -2.72
N GLY A 56 -11.84 8.75 -2.22
CA GLY A 56 -10.82 8.14 -3.07
C GLY A 56 -10.14 9.15 -3.96
N ASP A 57 -9.84 10.32 -3.39
CA ASP A 57 -9.31 11.44 -4.16
C ASP A 57 -7.78 11.51 -4.18
N GLY A 58 -7.11 10.52 -3.60
CA GLY A 58 -5.67 10.44 -3.67
C GLY A 58 -4.94 11.40 -2.74
N LEU A 59 -5.64 11.84 -1.69
CA LEU A 59 -5.07 12.78 -0.72
C LEU A 59 -5.72 12.57 0.66
N VAL A 60 -4.92 12.33 1.69
CA VAL A 60 -5.49 12.11 3.02
C VAL A 60 -5.61 13.42 3.79
N LYS A 61 -6.83 13.73 4.21
CA LYS A 61 -7.12 14.97 4.91
C LYS A 61 -7.48 14.72 6.37
N GLU A 62 -7.93 13.51 6.66
CA GLU A 62 -8.36 13.13 8.00
C GLU A 62 -7.89 11.70 8.29
N VAL A 63 -7.71 11.38 9.57
CA VAL A 63 -7.29 10.03 9.97
C VAL A 63 -8.14 9.48 11.11
N TRP A 64 -7.90 8.22 11.45
CA TRP A 64 -8.70 7.51 12.46
C TRP A 64 -7.99 7.42 13.80
N PHE A 65 -6.99 8.27 14.03
CA PHE A 65 -6.26 8.25 15.30
C PHE A 65 -5.87 9.67 15.73
N PRO A 66 -5.76 9.89 17.04
CA PRO A 66 -5.40 11.26 17.46
C PRO A 66 -3.96 11.55 17.10
N ASN A 67 -3.69 12.78 16.70
CA ASN A 67 -2.39 13.16 16.17
C ASN A 67 -2.22 14.67 16.16
N ARG A 68 -1.02 15.13 15.83
CA ARG A 68 -0.66 16.52 15.99
C ARG A 68 -0.89 17.37 14.76
N LEU A 69 -1.16 16.75 13.62
CA LEU A 69 -1.11 17.47 12.36
C LEU A 69 -2.40 17.52 11.54
N LEU A 70 -3.24 16.49 11.63
CA LEU A 70 -4.46 16.41 10.83
C LEU A 70 -5.67 16.11 11.69
N PRO A 71 -6.85 16.56 11.24
CA PRO A 71 -8.06 16.26 12.01
C PRO A 71 -8.26 14.77 12.18
N MET A 72 -8.76 14.38 13.35
CA MET A 72 -9.18 13.00 13.57
C MET A 72 -10.67 12.89 13.28
N LYS A 73 -11.04 12.12 12.25
CA LYS A 73 -12.44 12.04 11.87
C LYS A 73 -13.23 11.28 12.93
N ALA A 74 -12.63 10.22 13.44
CA ALA A 74 -13.17 9.47 14.57
C ALA A 74 -12.05 8.64 15.17
N ASP A 75 -12.03 8.52 16.49
CA ASP A 75 -11.00 7.73 17.17
C ASP A 75 -11.36 6.24 17.10
N ILE A 76 -11.12 5.60 15.95
CA ILE A 76 -11.53 4.20 15.84
C ILE A 76 -10.43 3.24 15.42
N PHE A 77 -9.26 3.72 15.01
CA PHE A 77 -8.25 2.75 14.63
C PHE A 77 -7.86 1.84 15.79
N SER A 78 -7.52 2.43 16.94
CA SER A 78 -7.05 1.62 18.05
C SER A 78 -8.19 0.72 18.54
N ARG A 79 -9.40 1.26 18.53
CA ARG A 79 -10.58 0.55 18.99
C ARG A 79 -10.81 -0.74 18.19
N VAL A 80 -10.71 -0.63 16.88
CA VAL A 80 -10.86 -1.80 16.02
C VAL A 80 -9.65 -2.74 16.14
N ALA A 81 -8.47 -2.15 16.18
CA ALA A 81 -7.23 -2.92 16.20
C ALA A 81 -7.17 -3.87 17.40
N TRP A 82 -7.41 -3.38 18.60
CA TRP A 82 -7.16 -4.25 19.76
C TRP A 82 -8.19 -5.37 19.80
N GLN A 83 -9.41 -5.10 19.33
CA GLN A 83 -10.43 -6.14 19.27
C GLN A 83 -10.15 -7.19 18.20
N LEU A 84 -9.66 -6.76 17.03
CA LEU A 84 -9.24 -7.72 16.01
C LEU A 84 -8.11 -8.61 16.55
N ARG A 85 -7.21 -8.01 17.33
CA ARG A 85 -6.02 -8.74 17.80
C ARG A 85 -6.33 -9.73 18.90
N THR A 86 -7.37 -9.46 19.69
CA THR A 86 -7.68 -10.30 20.85
C THR A 86 -8.88 -11.21 20.62
N ARG A 87 -9.86 -10.72 19.86
CA ARG A 87 -11.09 -11.48 19.65
C ARG A 87 -11.09 -12.22 18.31
N SER A 88 -10.54 -11.58 17.27
CA SER A 88 -10.62 -12.16 15.93
C SER A 88 -9.37 -12.97 15.57
N GLY A 89 -8.39 -12.96 16.47
CA GLY A 89 -7.22 -13.81 16.32
C GLY A 89 -6.23 -13.42 15.22
N VAL A 90 -6.17 -12.14 14.87
CA VAL A 90 -5.26 -11.72 13.80
C VAL A 90 -4.19 -10.72 14.22
N ASN A 91 -3.10 -10.73 13.47
CA ASN A 91 -2.12 -9.65 13.53
C ASN A 91 -2.68 -8.47 12.76
N ILE A 92 -2.38 -7.27 13.24
CA ILE A 92 -2.82 -6.04 12.58
C ILE A 92 -1.64 -5.24 12.06
N TYR A 93 -1.67 -4.90 10.77
CA TYR A 93 -0.73 -3.93 10.21
C TYR A 93 -1.46 -2.61 10.04
N ALA A 94 -0.88 -1.54 10.59
CA ALA A 94 -1.43 -0.21 10.39
C ALA A 94 -1.11 0.24 8.95
N TRP A 95 -2.14 0.41 8.14
CA TRP A 95 -1.98 0.82 6.74
C TRP A 95 -1.92 2.35 6.65
N MET A 96 -0.77 2.89 6.22
CA MET A 96 -0.52 4.33 6.24
C MET A 96 -0.01 4.81 4.89
N PRO A 97 -0.52 5.96 4.41
CA PRO A 97 0.10 6.61 3.25
C PRO A 97 1.55 6.91 3.55
N VAL A 98 2.41 6.89 2.52
CA VAL A 98 3.79 7.31 2.74
C VAL A 98 3.88 8.81 2.50
N LEU A 99 3.23 9.26 1.43
CA LEU A 99 3.45 10.62 0.93
C LEU A 99 2.19 11.49 0.80
N SER A 100 1.03 10.85 0.65
CA SER A 100 -0.15 11.58 0.16
C SER A 100 -0.98 12.19 1.29
N TRP A 101 -0.37 13.17 1.96
CA TRP A 101 -0.96 13.82 3.12
C TRP A 101 -1.24 15.29 2.85
N ASP A 102 -2.40 15.77 3.30
CA ASP A 102 -2.82 17.18 3.12
C ASP A 102 -2.22 18.11 4.19
N LEU A 103 -0.90 18.21 4.20
CA LEU A 103 -0.19 19.00 5.20
C LEU A 103 0.06 20.43 4.71
N ASP A 104 0.70 21.23 5.57
CA ASP A 104 1.13 22.61 5.26
C ASP A 104 1.39 22.81 3.77
N PRO A 105 0.66 23.74 3.14
CA PRO A 105 0.86 23.96 1.70
C PRO A 105 2.27 24.43 1.34
N THR A 106 3.07 24.87 2.31
CA THR A 106 4.44 25.31 1.99
C THR A 106 5.36 24.12 1.86
N LEU A 107 4.90 22.96 2.32
CA LEU A 107 5.66 21.72 2.13
C LEU A 107 5.73 21.39 0.64
N THR A 108 6.89 20.95 0.20
CA THR A 108 7.10 20.57 -1.19
C THR A 108 6.23 19.39 -1.61
N ARG A 109 5.53 19.55 -2.73
CA ARG A 109 4.81 18.43 -3.36
C ARG A 109 5.66 17.80 -4.46
N VAL A 110 5.48 16.50 -4.67
CA VAL A 110 6.04 15.85 -5.85
C VAL A 110 5.47 16.52 -7.11
N LYS A 111 6.34 16.80 -8.09
CA LYS A 111 5.94 17.41 -9.35
C LYS A 111 6.52 16.64 -10.51
N TYR A 112 5.93 16.78 -11.70
CA TYR A 112 6.50 16.21 -12.91
C TYR A 112 6.83 17.32 -13.87
N LEU A 113 7.70 17.05 -14.83
CA LEU A 113 8.04 18.06 -15.81
C LEU A 113 7.26 17.81 -17.10
N PRO A 114 6.27 18.67 -17.39
CA PRO A 114 5.42 18.41 -18.56
C PRO A 114 6.18 18.61 -19.85
N THR A 115 5.87 17.81 -20.85
CA THR A 115 6.53 17.95 -22.15
C THR A 115 6.29 19.37 -22.70
N GLY A 116 7.36 20.01 -23.15
CA GLY A 116 7.26 21.33 -23.77
C GLY A 116 7.05 22.47 -22.79
N GLU A 117 7.08 22.16 -21.49
CA GLU A 117 6.87 23.19 -20.47
C GLU A 117 8.09 23.38 -19.57
N LYS A 118 8.30 24.61 -19.14
CA LYS A 118 9.45 24.98 -18.32
C LYS A 118 9.23 24.65 -16.84
N LYS A 119 8.04 24.97 -16.35
CA LYS A 119 7.76 24.84 -14.92
C LYS A 119 7.18 23.47 -14.56
N ALA A 120 7.68 22.89 -13.46
CA ALA A 120 7.16 21.60 -12.98
C ALA A 120 5.72 21.79 -12.47
N GLN A 121 4.92 20.74 -12.54
CA GLN A 121 3.52 20.81 -12.13
C GLN A 121 3.12 19.54 -11.40
N ILE A 122 1.94 19.59 -10.77
CA ILE A 122 1.38 18.41 -10.12
C ILE A 122 0.55 17.59 -11.09
N HIS A 123 0.90 16.33 -11.26
CA HIS A 123 0.18 15.46 -12.21
C HIS A 123 -1.24 15.22 -11.70
N PRO A 124 -2.23 15.50 -12.55
CA PRO A 124 -3.64 15.49 -12.15
C PRO A 124 -4.16 14.10 -11.76
N GLU A 125 -3.66 13.07 -12.43
CA GLU A 125 -4.18 11.72 -12.22
C GLU A 125 -3.30 10.82 -11.35
N GLN A 126 -2.41 11.42 -10.56
CA GLN A 126 -1.55 10.65 -9.66
C GLN A 126 -1.91 10.97 -8.23
N TYR A 127 -1.49 10.12 -7.28
CA TYR A 127 -1.62 10.47 -5.88
C TYR A 127 -1.03 11.86 -5.62
N HIS A 128 -1.66 12.61 -4.73
CA HIS A 128 -1.14 13.92 -4.36
C HIS A 128 -0.08 13.78 -3.29
N ARG A 129 1.13 13.47 -3.74
CA ARG A 129 2.25 13.11 -2.87
C ARG A 129 3.08 14.31 -2.43
N LEU A 130 3.43 14.36 -1.16
CA LEU A 130 4.49 15.26 -0.70
C LEU A 130 5.84 14.71 -1.15
N SER A 131 6.81 15.59 -1.37
CA SER A 131 8.13 15.14 -1.81
C SER A 131 9.00 14.59 -0.68
N PRO A 132 9.53 13.38 -0.86
CA PRO A 132 10.43 12.80 0.16
C PRO A 132 11.78 13.51 0.18
N PHE A 133 12.03 14.40 -0.77
CA PHE A 133 13.30 15.11 -0.79
C PHE A 133 13.26 16.42 -0.01
N ASP A 134 12.11 16.70 0.59
CA ASP A 134 11.94 17.87 1.47
C ASP A 134 12.08 17.40 2.93
N ASP A 135 13.10 17.89 3.65
CA ASP A 135 13.32 17.41 5.01
C ASP A 135 12.17 17.76 5.96
N ARG A 136 11.45 18.84 5.68
CA ARG A 136 10.30 19.19 6.51
C ARG A 136 9.20 18.15 6.34
N VAL A 137 9.04 17.64 5.12
CA VAL A 137 8.07 16.57 4.86
C VAL A 137 8.45 15.32 5.66
N ARG A 138 9.72 14.96 5.64
CA ARG A 138 10.16 13.79 6.37
C ARG A 138 9.85 13.91 7.87
N ALA A 139 10.08 15.10 8.41
CA ALA A 139 9.82 15.35 9.82
C ALA A 139 8.33 15.29 10.14
N GLN A 140 7.50 15.91 9.31
CA GLN A 140 6.07 15.96 9.60
C GLN A 140 5.37 14.61 9.42
N VAL A 141 5.72 13.90 8.35
CA VAL A 141 5.15 12.57 8.15
C VAL A 141 5.66 11.67 9.28
N GLY A 142 6.92 11.86 9.67
CA GLY A 142 7.45 11.19 10.84
C GLY A 142 6.60 11.38 12.09
N MET A 143 6.18 12.62 12.32
CA MET A 143 5.32 12.91 13.46
C MET A 143 4.00 12.14 13.41
N LEU A 144 3.41 12.05 12.22
CA LEU A 144 2.16 11.30 12.05
C LEU A 144 2.34 9.83 12.42
N TYR A 145 3.43 9.23 11.96
CA TYR A 145 3.70 7.85 12.29
C TYR A 145 4.00 7.68 13.78
N GLU A 146 4.68 8.66 14.38
CA GLU A 146 4.92 8.57 15.81
C GLU A 146 3.63 8.69 16.62
N ASP A 147 2.69 9.50 16.12
CA ASP A 147 1.41 9.68 16.81
C ASP A 147 0.59 8.40 16.72
N LEU A 148 0.63 7.76 15.56
CA LEU A 148 -0.03 6.47 15.40
C LEU A 148 0.55 5.48 16.41
N ALA A 149 1.88 5.41 16.43
CA ALA A 149 2.60 4.45 17.26
C ALA A 149 2.33 4.70 18.74
N GLY A 150 2.21 5.96 19.12
CA GLY A 150 1.96 6.31 20.50
C GLY A 150 0.55 6.05 20.97
N HIS A 151 -0.42 6.08 20.06
CA HIS A 151 -1.83 6.00 20.46
C HIS A 151 -2.49 4.65 20.19
N ALA A 152 -1.83 3.78 19.45
CA ALA A 152 -2.41 2.47 19.16
C ALA A 152 -1.36 1.37 19.24
N ALA A 153 -1.79 0.18 19.64
CA ALA A 153 -0.90 -0.99 19.59
C ALA A 153 -1.24 -1.84 18.37
N PHE A 154 -0.21 -2.32 17.69
CA PHE A 154 -0.42 -3.12 16.48
C PHE A 154 0.82 -3.98 16.22
N ASP A 155 0.75 -4.83 15.19
CA ASP A 155 1.80 -5.81 14.95
C ASP A 155 2.73 -5.44 13.82
N GLY A 156 2.30 -4.53 12.96
CA GLY A 156 3.06 -4.15 11.78
C GLY A 156 2.64 -2.83 11.17
N ILE A 157 3.43 -2.37 10.19
CA ILE A 157 3.11 -1.21 9.38
C ILE A 157 3.00 -1.67 7.93
N LEU A 158 1.91 -1.31 7.25
CA LEU A 158 1.84 -1.47 5.80
C LEU A 158 2.03 -0.12 5.14
N PHE A 159 3.12 0.04 4.41
CA PHE A 159 3.35 1.27 3.66
C PHE A 159 2.55 1.25 2.37
N HIS A 160 1.79 2.32 2.16
CA HIS A 160 0.85 2.47 1.04
C HIS A 160 1.55 2.41 -0.31
N ASP A 161 0.81 2.10 -1.37
CA ASP A 161 1.40 2.10 -2.71
C ASP A 161 1.65 3.51 -3.27
N ASP A 162 1.39 4.56 -2.48
CA ASP A 162 1.62 5.92 -2.99
C ASP A 162 3.09 6.31 -2.97
N ALA A 163 3.95 5.42 -2.47
CA ALA A 163 5.38 5.65 -2.56
C ALA A 163 5.85 5.19 -3.94
N LEU A 164 5.59 6.02 -4.94
CA LEU A 164 6.03 5.78 -6.32
C LEU A 164 6.36 7.11 -6.99
N LEU A 165 7.21 7.06 -8.01
CA LEU A 165 7.57 8.24 -8.80
C LEU A 165 7.67 7.82 -10.26
N SER A 166 7.17 8.66 -11.17
CA SER A 166 7.26 8.34 -12.60
C SER A 166 8.61 8.74 -13.21
N ASP A 167 8.78 8.47 -14.50
CA ASP A 167 10.03 8.80 -15.18
C ASP A 167 10.13 10.29 -15.52
N TYR A 168 9.14 11.09 -15.10
CA TYR A 168 9.22 12.54 -15.25
C TYR A 168 9.15 13.23 -13.88
N GLU A 169 9.27 12.42 -12.82
CA GLU A 169 9.23 12.85 -11.42
C GLU A 169 10.51 12.39 -10.70
N ASP A 170 10.81 12.89 -9.50
CA ASP A 170 10.23 14.10 -8.90
C ASP A 170 10.98 15.29 -9.50
N ALA A 171 10.23 16.23 -10.06
CA ALA A 171 10.83 17.38 -10.71
C ALA A 171 10.86 18.63 -9.84
N SER A 172 10.42 18.49 -8.58
CA SER A 172 10.40 19.62 -7.66
C SER A 172 11.82 20.12 -7.37
N ALA A 173 11.92 21.37 -6.91
CA ALA A 173 13.24 21.96 -6.67
C ALA A 173 14.10 21.19 -5.67
N PRO A 174 13.51 20.71 -4.54
CA PRO A 174 14.32 19.90 -3.62
C PRO A 174 14.78 18.58 -4.22
N ALA A 175 13.97 18.01 -5.09
CA ALA A 175 14.37 16.78 -5.76
C ALA A 175 15.54 17.05 -6.71
N ILE A 176 15.42 18.10 -7.53
CA ILE A 176 16.51 18.52 -8.41
C ILE A 176 17.81 18.71 -7.64
N THR A 177 17.73 19.39 -6.49
CA THR A 177 18.89 19.58 -5.63
C THR A 177 19.48 18.24 -5.20
N ALA A 178 18.60 17.32 -4.82
CA ALA A 178 19.03 16.00 -4.39
C ALA A 178 19.78 15.24 -5.49
N TYR A 179 19.27 15.30 -6.71
CA TYR A 179 19.92 14.61 -7.83
C TYR A 179 21.29 15.22 -8.09
N GLN A 180 21.38 16.54 -8.00
CA GLN A 180 22.63 17.24 -8.28
C GLN A 180 23.68 16.89 -7.23
N GLN A 181 23.27 16.82 -5.98
CA GLN A 181 24.19 16.50 -4.90
C GLN A 181 24.58 15.03 -4.96
N ALA A 182 23.78 14.23 -5.65
CA ALA A 182 24.08 12.82 -5.84
C ALA A 182 24.89 12.55 -7.12
N GLY A 183 25.15 13.60 -7.89
CA GLY A 183 26.01 13.47 -9.05
C GLY A 183 25.33 13.49 -10.41
N PHE A 184 24.00 13.58 -10.45
CA PHE A 184 23.26 13.69 -11.72
C PHE A 184 23.20 15.14 -12.21
N SER A 185 22.81 15.31 -13.47
CA SER A 185 22.52 16.64 -14.02
C SER A 185 21.23 17.18 -13.42
N GLY A 186 21.09 18.51 -13.42
CA GLY A 186 19.90 19.15 -12.90
C GLY A 186 18.76 19.15 -13.90
N SER A 187 19.04 18.67 -15.11
CA SER A 187 18.07 18.64 -16.18
C SER A 187 17.51 17.22 -16.38
N LEU A 188 16.23 17.06 -16.11
CA LEU A 188 15.59 15.76 -16.24
C LEU A 188 15.65 15.26 -17.67
N SER A 189 15.48 16.17 -18.62
CA SER A 189 15.56 15.81 -20.04
C SER A 189 16.92 15.22 -20.37
N GLU A 190 17.97 15.78 -19.78
CA GLU A 190 19.32 15.28 -20.04
C GLU A 190 19.52 13.90 -19.44
N ILE A 191 19.10 13.71 -18.19
CA ILE A 191 19.17 12.42 -17.52
C ILE A 191 18.45 11.36 -18.36
N ARG A 192 17.26 11.72 -18.84
CA ARG A 192 16.41 10.80 -19.61
C ARG A 192 16.99 10.36 -20.94
N GLN A 193 18.02 11.04 -21.43
CA GLN A 193 18.60 10.71 -22.73
C GLN A 193 19.99 10.10 -22.60
N ASN A 194 20.40 9.87 -21.35
CA ASN A 194 21.69 9.24 -21.04
C ASN A 194 21.42 7.82 -20.55
N PRO A 195 21.93 6.82 -21.29
CA PRO A 195 21.67 5.40 -20.99
C PRO A 195 22.02 5.01 -19.55
N GLU A 196 23.27 5.26 -19.17
CA GLU A 196 23.75 4.92 -17.83
C GLU A 196 23.09 5.75 -16.73
N GLN A 197 23.00 7.07 -16.95
CA GLN A 197 22.42 7.92 -15.93
C GLN A 197 20.94 7.64 -15.73
N PHE A 198 20.21 7.33 -16.80
CA PHE A 198 18.78 7.09 -16.65
C PHE A 198 18.53 5.88 -15.76
N LYS A 199 19.28 4.82 -16.03
CA LYS A 199 19.24 3.62 -15.19
C LYS A 199 19.55 3.97 -13.75
N GLN A 200 20.64 4.72 -13.54
CA GLN A 200 21.07 5.05 -12.18
C GLN A 200 20.09 5.96 -11.45
N TRP A 201 19.49 6.90 -12.18
CA TRP A 201 18.50 7.81 -11.63
C TRP A 201 17.24 7.08 -11.16
N ALA A 202 16.78 6.10 -11.93
CA ALA A 202 15.63 5.29 -11.52
C ALA A 202 15.93 4.59 -10.21
N ARG A 203 17.12 4.01 -10.12
CA ARG A 203 17.56 3.32 -8.92
C ARG A 203 17.65 4.26 -7.74
N PHE A 204 18.18 5.46 -7.99
CA PHE A 204 18.30 6.47 -6.95
C PHE A 204 16.94 6.83 -6.34
N LYS A 205 15.94 7.01 -7.19
CA LYS A 205 14.60 7.35 -6.73
C LYS A 205 13.99 6.20 -5.95
N SER A 206 14.22 4.98 -6.42
CA SER A 206 13.71 3.80 -5.73
C SER A 206 14.27 3.73 -4.30
N ARG A 207 15.59 3.86 -4.19
CA ARG A 207 16.26 3.85 -2.89
C ARG A 207 15.82 5.00 -1.99
N ALA A 208 15.61 6.17 -2.58
CA ALA A 208 15.16 7.34 -1.82
C ALA A 208 13.83 7.06 -1.12
N LEU A 209 12.89 6.49 -1.87
CA LEU A 209 11.60 6.14 -1.31
C LEU A 209 11.71 5.07 -0.24
N THR A 210 12.45 4.01 -0.53
CA THR A 210 12.65 2.95 0.43
C THR A 210 13.30 3.46 1.70
N ASP A 211 14.32 4.30 1.55
CA ASP A 211 15.01 4.86 2.70
C ASP A 211 14.06 5.69 3.57
N PHE A 212 13.16 6.43 2.92
CA PHE A 212 12.19 7.23 3.67
C PHE A 212 11.26 6.33 4.48
N THR A 213 10.80 5.23 3.88
CA THR A 213 9.93 4.32 4.63
C THR A 213 10.69 3.69 5.80
N LEU A 214 11.99 3.44 5.63
CA LEU A 214 12.77 2.84 6.71
C LEU A 214 13.00 3.82 7.86
N GLU A 215 13.08 5.10 7.53
CA GLU A 215 13.14 6.14 8.57
C GLU A 215 11.86 6.11 9.39
N LEU A 216 10.73 6.03 8.71
CA LEU A 216 9.42 5.98 9.37
C LEU A 216 9.28 4.71 10.22
N SER A 217 9.71 3.58 9.68
CA SER A 217 9.72 2.32 10.42
C SER A 217 10.54 2.42 11.71
N ALA A 218 11.73 3.00 11.61
CA ALA A 218 12.56 3.17 12.79
C ALA A 218 11.86 4.02 13.86
N ARG A 219 11.16 5.06 13.44
CA ARG A 219 10.46 5.92 14.38
C ARG A 219 9.38 5.14 15.12
N VAL A 220 8.64 4.33 14.38
CA VAL A 220 7.59 3.50 14.97
C VAL A 220 8.19 2.46 15.92
N LYS A 221 9.26 1.81 15.49
CA LYS A 221 9.91 0.80 16.31
C LYS A 221 10.54 1.40 17.56
N ALA A 222 10.94 2.67 17.51
CA ALA A 222 11.50 3.32 18.69
C ALA A 222 10.48 3.36 19.82
N ILE A 223 9.22 3.43 19.43
CA ILE A 223 8.11 3.58 20.35
C ILE A 223 7.48 2.23 20.72
N ARG A 224 7.12 1.44 19.70
CA ARG A 224 6.41 0.19 19.90
C ARG A 224 7.34 -1.01 20.05
N GLY A 225 8.62 -0.82 19.76
CA GLY A 225 9.57 -1.89 19.90
C GLY A 225 9.94 -2.52 18.56
N PRO A 226 11.01 -3.31 18.52
CA PRO A 226 11.56 -3.84 17.28
C PRO A 226 10.79 -5.02 16.70
N HIS A 227 9.80 -5.53 17.43
CA HIS A 227 9.00 -6.66 16.96
C HIS A 227 8.03 -6.30 15.84
N ILE A 228 7.76 -5.01 15.70
CA ILE A 228 6.86 -4.49 14.66
C ILE A 228 7.34 -4.94 13.28
N LYS A 229 6.45 -5.56 12.51
CA LYS A 229 6.79 -6.04 11.16
C LYS A 229 6.59 -4.92 10.15
N THR A 230 7.25 -5.01 8.99
CA THR A 230 6.99 -4.04 7.93
C THR A 230 6.49 -4.74 6.68
N ALA A 231 5.57 -4.07 6.00
CA ALA A 231 5.09 -4.50 4.71
C ALA A 231 4.99 -3.27 3.83
N ARG A 232 5.13 -3.43 2.52
CA ARG A 232 4.91 -2.30 1.62
C ARG A 232 4.23 -2.80 0.36
N ASN A 233 3.24 -2.05 -0.13
CA ASN A 233 2.58 -2.45 -1.38
C ASN A 233 3.45 -2.13 -2.59
N ILE A 234 3.60 -3.10 -3.47
CA ILE A 234 4.32 -2.89 -4.72
C ILE A 234 3.35 -3.13 -5.84
N PHE A 235 3.44 -2.32 -6.89
CA PHE A 235 2.66 -2.57 -8.11
C PHE A 235 3.14 -3.82 -8.83
N ALA A 236 2.26 -4.44 -9.59
CA ALA A 236 2.59 -5.67 -10.31
C ALA A 236 3.70 -5.50 -11.35
N LEU A 237 3.66 -4.40 -12.11
CA LEU A 237 4.62 -4.23 -13.21
C LEU A 237 6.09 -4.30 -12.77
N PRO A 238 6.47 -3.63 -11.66
CA PRO A 238 7.87 -3.79 -11.24
C PRO A 238 8.27 -5.23 -10.95
N VAL A 239 7.31 -6.10 -10.63
CA VAL A 239 7.61 -7.51 -10.44
C VAL A 239 7.69 -8.26 -11.77
N ILE A 240 6.68 -8.10 -12.62
CA ILE A 240 6.62 -8.89 -13.86
C ILE A 240 7.47 -8.31 -15.00
N GLN A 241 7.57 -6.98 -15.07
CA GLN A 241 8.39 -6.31 -16.07
C GLN A 241 9.31 -5.33 -15.35
N PRO A 242 10.43 -5.82 -14.80
CA PRO A 242 11.28 -5.04 -13.89
C PRO A 242 11.81 -3.73 -14.48
N GLU A 243 11.92 -3.65 -15.80
CA GLU A 243 12.34 -2.41 -16.43
C GLU A 243 11.34 -1.28 -16.12
N SER A 244 10.13 -1.64 -15.70
CA SER A 244 9.11 -0.66 -15.33
C SER A 244 9.47 0.13 -14.08
N GLU A 245 10.53 -0.27 -13.38
CA GLU A 245 11.02 0.52 -12.26
C GLU A 245 11.30 1.96 -12.70
N ALA A 246 11.65 2.10 -13.97
CA ALA A 246 11.91 3.41 -14.57
C ALA A 246 10.75 4.38 -14.37
N TRP A 247 9.51 3.88 -14.35
CA TRP A 247 8.40 4.80 -14.16
C TRP A 247 7.53 4.47 -12.94
N PHE A 248 8.07 3.67 -12.01
CA PHE A 248 7.43 3.44 -10.73
C PHE A 248 8.32 3.82 -9.55
N ALA A 249 9.64 3.78 -9.77
CA ALA A 249 10.60 3.92 -8.67
C ALA A 249 10.31 2.88 -7.57
N GLN A 250 9.95 1.68 -8.00
CA GLN A 250 9.83 0.55 -7.06
C GLN A 250 10.63 -0.59 -7.65
N ASN A 251 11.39 -1.29 -6.80
CA ASN A 251 12.25 -2.40 -7.22
C ASN A 251 11.95 -3.61 -6.34
N TYR A 252 11.51 -4.69 -6.96
CA TYR A 252 11.07 -5.87 -6.21
C TYR A 252 12.17 -6.45 -5.32
N ALA A 253 13.38 -6.61 -5.86
CA ALA A 253 14.50 -7.16 -5.07
C ALA A 253 14.79 -6.27 -3.87
N ASP A 254 14.69 -4.96 -4.07
CA ASP A 254 14.86 -3.98 -3.01
C ASP A 254 13.81 -4.13 -1.90
N PHE A 255 12.54 -4.28 -2.30
CA PHE A 255 11.46 -4.54 -1.32
C PHE A 255 11.75 -5.81 -0.53
N LEU A 256 12.17 -6.86 -1.22
CA LEU A 256 12.40 -8.14 -0.55
C LEU A 256 13.52 -8.04 0.48
N LYS A 257 14.51 -7.18 0.21
CA LYS A 257 15.61 -7.01 1.15
C LYS A 257 15.24 -6.09 2.30
N SER A 258 14.24 -5.21 2.08
CA SER A 258 13.98 -4.12 3.01
C SER A 258 12.80 -4.31 3.96
N TYR A 259 11.80 -5.09 3.54
CA TYR A 259 10.58 -5.29 4.34
C TYR A 259 10.39 -6.74 4.74
N ASP A 260 9.67 -6.96 5.82
CA ASP A 260 9.32 -8.33 6.19
C ASP A 260 8.43 -8.95 5.11
N TRP A 261 7.52 -8.14 4.58
CA TRP A 261 6.58 -8.60 3.55
C TRP A 261 6.45 -7.62 2.40
N THR A 262 6.50 -8.17 1.18
CA THR A 262 6.28 -7.38 -0.01
C THR A 262 4.90 -7.72 -0.51
N ALA A 263 3.99 -6.74 -0.44
CA ALA A 263 2.58 -7.00 -0.70
C ALA A 263 2.26 -6.58 -2.13
N ILE A 264 2.28 -7.58 -3.02
CA ILE A 264 2.13 -7.38 -4.45
C ILE A 264 0.67 -7.20 -4.81
N MET A 265 0.37 -6.15 -5.57
CA MET A 265 -1.02 -5.93 -5.97
C MET A 265 -1.30 -6.77 -7.21
N ALA A 266 -1.69 -8.02 -6.94
CA ALA A 266 -1.89 -9.04 -7.98
C ALA A 266 -3.26 -8.90 -8.59
N MET A 267 -3.45 -7.83 -9.34
CA MET A 267 -4.79 -7.37 -9.71
C MET A 267 -4.89 -7.17 -11.21
N PRO A 268 -5.22 -8.26 -11.92
CA PRO A 268 -5.16 -8.27 -13.40
C PRO A 268 -6.07 -7.22 -14.02
N TYR A 269 -7.26 -7.07 -13.47
CA TYR A 269 -8.24 -6.15 -14.07
C TYR A 269 -7.79 -4.70 -13.86
N LEU A 270 -7.20 -4.44 -12.70
CA LEU A 270 -6.59 -3.14 -12.45
C LEU A 270 -5.51 -2.85 -13.50
N GLU A 271 -4.85 -3.90 -13.95
CA GLU A 271 -3.75 -3.74 -14.90
C GLU A 271 -4.24 -3.84 -16.35
N GLY A 272 -5.55 -3.88 -16.55
CA GLY A 272 -6.12 -3.83 -17.88
C GLY A 272 -6.16 -5.16 -18.62
N VAL A 273 -5.89 -6.24 -17.90
CA VAL A 273 -5.94 -7.58 -18.49
C VAL A 273 -7.37 -8.01 -18.80
N ALA A 274 -7.60 -8.56 -19.99
CA ALA A 274 -8.92 -9.05 -20.37
C ALA A 274 -9.33 -10.19 -19.45
N GLU A 275 -10.63 -10.32 -19.20
CA GLU A 275 -11.14 -11.30 -18.24
C GLU A 275 -10.62 -12.71 -18.52
N LYS A 276 -10.62 -13.09 -19.80
CA LYS A 276 -10.23 -14.44 -20.19
C LYS A 276 -8.73 -14.70 -20.04
N SER A 277 -7.96 -13.64 -19.82
CA SER A 277 -6.50 -13.77 -19.69
C SER A 277 -6.00 -13.64 -18.27
N ALA A 278 -6.92 -13.51 -17.31
CA ALA A 278 -6.54 -13.25 -15.92
C ALA A 278 -5.75 -14.41 -15.30
N ASP A 279 -6.18 -15.66 -15.54
CA ASP A 279 -5.47 -16.82 -15.01
C ASP A 279 -4.02 -16.85 -15.52
N GLN A 280 -3.86 -16.71 -16.84
CA GLN A 280 -2.53 -16.71 -17.44
C GLN A 280 -1.65 -15.61 -16.83
N TRP A 281 -2.23 -14.44 -16.59
CA TRP A 281 -1.49 -13.32 -16.04
C TRP A 281 -1.04 -13.61 -14.60
N LEU A 282 -1.96 -14.15 -13.79
CA LEU A 282 -1.63 -14.54 -12.41
C LEU A 282 -0.56 -15.63 -12.38
N ILE A 283 -0.67 -16.61 -13.28
CA ILE A 283 0.34 -17.65 -13.35
C ILE A 283 1.72 -17.07 -13.74
N GLN A 284 1.74 -16.17 -14.70
CA GLN A 284 3.01 -15.58 -15.11
C GLN A 284 3.61 -14.76 -13.99
N LEU A 285 2.76 -14.08 -13.23
CA LEU A 285 3.22 -13.35 -12.03
C LEU A 285 3.92 -14.29 -11.06
N THR A 286 3.30 -15.43 -10.77
CA THR A 286 3.90 -16.40 -9.86
C THR A 286 5.22 -16.92 -10.44
N ASN A 287 5.24 -17.16 -11.74
CA ASN A 287 6.48 -17.56 -12.41
C ASN A 287 7.61 -16.55 -12.21
N GLN A 288 7.32 -15.26 -12.36
CA GLN A 288 8.37 -14.25 -12.21
C GLN A 288 8.90 -14.22 -10.79
N ILE A 289 7.98 -14.31 -9.84
CA ILE A 289 8.32 -14.34 -8.43
C ILE A 289 9.30 -15.48 -8.12
N LYS A 290 9.04 -16.65 -8.68
CA LYS A 290 9.88 -17.81 -8.39
C LYS A 290 11.25 -17.72 -9.06
N ASN A 291 11.48 -16.67 -9.86
CA ASN A 291 12.82 -16.42 -10.39
C ASN A 291 13.80 -15.94 -9.31
N ILE A 292 13.26 -15.48 -8.19
CA ILE A 292 14.07 -15.04 -7.07
C ILE A 292 13.89 -16.01 -5.91
N PRO A 293 14.96 -16.72 -5.53
CA PRO A 293 14.84 -17.71 -4.46
C PRO A 293 14.24 -17.09 -3.20
N GLN A 294 13.23 -17.77 -2.65
CA GLN A 294 12.57 -17.38 -1.41
C GLN A 294 11.72 -16.11 -1.53
N ALA A 295 11.62 -15.52 -2.71
CA ALA A 295 10.77 -14.31 -2.86
C ALA A 295 9.33 -14.61 -2.45
N LYS A 296 8.83 -15.78 -2.83
CA LYS A 296 7.44 -16.10 -2.53
C LYS A 296 7.23 -16.20 -1.03
N ASP A 297 8.28 -16.59 -0.31
CA ASP A 297 8.16 -16.78 1.13
C ASP A 297 8.17 -15.44 1.88
N LYS A 298 8.46 -14.35 1.16
CA LYS A 298 8.53 -13.00 1.71
C LYS A 298 7.57 -12.05 1.01
N SER A 299 6.68 -12.62 0.22
CA SER A 299 5.72 -11.84 -0.55
C SER A 299 4.30 -12.28 -0.22
N ILE A 300 3.37 -11.32 -0.27
CA ILE A 300 1.95 -11.58 -0.13
C ILE A 300 1.31 -11.16 -1.43
N LEU A 301 0.48 -12.01 -2.03
CA LEU A 301 -0.18 -11.59 -3.25
C LEU A 301 -1.60 -11.13 -2.91
N GLU A 302 -1.85 -9.83 -3.08
CA GLU A 302 -3.16 -9.29 -2.83
C GLU A 302 -4.00 -9.27 -4.10
N LEU A 303 -5.05 -10.07 -4.09
CA LEU A 303 -6.01 -10.15 -5.18
C LEU A 303 -7.00 -8.99 -5.06
N GLN A 304 -7.62 -8.57 -6.16
CA GLN A 304 -8.67 -7.55 -6.05
C GLN A 304 -10.04 -8.20 -5.87
N ALA A 305 -10.86 -7.60 -5.00
CA ALA A 305 -12.22 -8.08 -4.72
C ALA A 305 -13.27 -7.16 -5.33
N GLN A 306 -12.79 -6.06 -5.90
CA GLN A 306 -13.62 -5.12 -6.65
C GLN A 306 -12.93 -4.84 -7.97
N ASN A 307 -13.72 -4.50 -8.97
CA ASN A 307 -13.21 -4.04 -10.25
C ASN A 307 -13.49 -2.55 -10.34
N TRP A 308 -12.44 -1.73 -10.45
CA TRP A 308 -12.61 -0.29 -10.41
C TRP A 308 -12.83 0.26 -11.82
N GLN A 309 -13.97 0.90 -12.04
CA GLN A 309 -14.40 1.34 -13.37
C GLN A 309 -13.93 2.75 -13.69
N LYS A 310 -13.92 3.07 -14.98
CA LYS A 310 -13.37 4.35 -15.46
C LYS A 310 -14.04 5.57 -14.84
N ASN A 311 -15.36 5.50 -14.69
CA ASN A 311 -16.10 6.66 -14.21
C ASN A 311 -16.29 6.71 -12.70
N GLY A 312 -15.30 6.21 -11.96
CA GLY A 312 -15.25 6.40 -10.53
C GLY A 312 -15.98 5.38 -9.68
N GLN A 313 -16.82 4.56 -10.31
CA GLN A 313 -17.53 3.52 -9.58
C GLN A 313 -16.74 2.22 -9.56
N HIS A 314 -17.15 1.29 -8.70
CA HIS A 314 -16.57 -0.05 -8.71
C HIS A 314 -17.67 -1.07 -8.46
N GLN A 315 -17.45 -2.29 -8.92
CA GLN A 315 -18.36 -3.41 -8.66
C GLN A 315 -17.60 -4.62 -8.19
N ALA A 316 -18.29 -5.47 -7.44
CA ALA A 316 -17.71 -6.68 -6.89
C ALA A 316 -17.15 -7.63 -7.94
N ILE A 317 -15.97 -8.17 -7.66
CA ILE A 317 -15.49 -9.39 -8.28
C ILE A 317 -16.32 -10.53 -7.67
N SER A 318 -16.80 -11.48 -8.47
CA SER A 318 -17.61 -12.54 -7.89
C SER A 318 -16.76 -13.34 -6.90
N SER A 319 -17.35 -13.76 -5.79
CA SER A 319 -16.62 -14.50 -4.78
C SER A 319 -16.10 -15.83 -5.34
N GLN A 320 -16.83 -16.39 -6.29
CA GLN A 320 -16.43 -17.66 -6.89
C GLN A 320 -15.15 -17.45 -7.68
N GLN A 321 -15.07 -16.35 -8.43
CA GLN A 321 -13.85 -16.04 -9.17
C GLN A 321 -12.67 -15.78 -8.25
N LEU A 322 -12.93 -15.06 -7.16
CA LEU A 322 -11.87 -14.79 -6.17
C LEU A 322 -11.35 -16.11 -5.59
N ALA A 323 -12.26 -17.02 -5.28
CA ALA A 323 -11.86 -18.32 -4.73
C ALA A 323 -11.03 -19.13 -5.74
N HIS A 324 -11.45 -19.09 -7.01
CA HIS A 324 -10.68 -19.75 -8.05
C HIS A 324 -9.27 -19.18 -8.17
N TRP A 325 -9.14 -17.85 -8.09
CA TRP A 325 -7.81 -17.24 -8.13
C TRP A 325 -6.96 -17.72 -6.96
N MET A 326 -7.56 -17.80 -5.78
CA MET A 326 -6.86 -18.32 -4.61
C MET A 326 -6.43 -19.77 -4.80
N SER A 327 -7.31 -20.59 -5.39
CA SER A 327 -6.94 -21.95 -5.75
C SER A 327 -5.74 -21.94 -6.68
N LEU A 328 -5.79 -21.06 -7.69
CA LEU A 328 -4.71 -20.99 -8.68
C LEU A 328 -3.37 -20.65 -8.03
N LEU A 329 -3.36 -19.65 -7.16
CA LEU A 329 -2.13 -19.28 -6.44
C LEU A 329 -1.56 -20.48 -5.69
N GLN A 330 -2.39 -21.16 -4.90
CA GLN A 330 -1.94 -22.34 -4.14
C GLN A 330 -1.33 -23.39 -5.05
N LEU A 331 -2.00 -23.67 -6.15
CA LEU A 331 -1.54 -24.70 -7.09
C LEU A 331 -0.25 -24.32 -7.80
N ASN A 332 0.07 -23.03 -7.82
CA ASN A 332 1.32 -22.55 -8.40
C ASN A 332 2.36 -22.21 -7.33
N GLY A 333 2.19 -22.79 -6.15
CA GLY A 333 3.20 -22.72 -5.11
C GLY A 333 3.26 -21.42 -4.34
N VAL A 334 2.19 -20.63 -4.40
CA VAL A 334 2.12 -19.37 -3.69
C VAL A 334 1.12 -19.52 -2.53
N LYS A 335 1.63 -19.53 -1.31
CA LYS A 335 0.79 -19.84 -0.16
C LYS A 335 0.37 -18.58 0.61
N ASN A 336 1.07 -17.48 0.39
CA ASN A 336 0.80 -16.25 1.11
C ASN A 336 0.00 -15.26 0.26
N TYR A 337 -1.27 -15.03 0.62
CA TYR A 337 -2.08 -14.15 -0.21
C TYR A 337 -3.27 -13.57 0.54
N GLY A 338 -4.03 -12.71 -0.14
CA GLY A 338 -5.18 -12.10 0.48
C GLY A 338 -5.91 -11.27 -0.56
N TYR A 339 -6.73 -10.33 -0.12
CA TYR A 339 -7.46 -9.49 -1.04
C TYR A 339 -7.77 -8.12 -0.48
N TYR A 340 -8.09 -7.22 -1.40
CA TYR A 340 -8.53 -5.85 -1.12
C TYR A 340 -9.61 -5.49 -2.14
N PRO A 341 -10.68 -4.78 -1.73
CA PRO A 341 -11.07 -4.43 -0.36
C PRO A 341 -12.10 -5.39 0.22
N ASP A 342 -12.35 -5.29 1.52
CA ASP A 342 -13.39 -6.10 2.15
C ASP A 342 -14.63 -5.23 2.36
N ASN A 343 -15.82 -5.83 2.25
CA ASN A 343 -17.03 -5.07 2.53
C ASN A 343 -18.00 -5.82 3.42
N PHE A 344 -17.87 -5.63 4.73
CA PHE A 344 -18.71 -6.33 5.70
C PHE A 344 -20.19 -6.03 5.52
N LEU A 345 -20.51 -4.84 5.00
CA LEU A 345 -21.90 -4.42 4.89
C LEU A 345 -22.70 -5.32 3.95
N HIS A 346 -22.01 -5.96 3.01
CA HIS A 346 -22.69 -6.81 2.03
C HIS A 346 -22.12 -8.23 1.96
N ASN A 347 -21.28 -8.57 2.94
CA ASN A 347 -20.64 -9.88 2.98
C ASN A 347 -19.99 -10.14 1.62
N GLN A 348 -19.11 -9.21 1.23
CA GLN A 348 -18.42 -9.27 -0.03
C GLN A 348 -16.93 -9.07 0.22
N PRO A 349 -16.11 -10.09 -0.12
CA PRO A 349 -16.49 -11.38 -0.70
C PRO A 349 -17.24 -12.26 0.31
N GLU A 350 -17.98 -13.25 -0.21
CA GLU A 350 -18.81 -14.10 0.63
C GLU A 350 -17.98 -15.07 1.46
N ILE A 351 -18.07 -14.92 2.77
CA ILE A 351 -17.23 -15.66 3.68
C ILE A 351 -17.32 -17.16 3.41
N ASP A 352 -18.53 -17.68 3.27
CA ASP A 352 -18.73 -19.10 3.07
C ASP A 352 -18.15 -19.60 1.75
N LEU A 353 -18.12 -18.73 0.75
CA LEU A 353 -17.62 -19.11 -0.56
C LEU A 353 -16.09 -19.08 -0.65
N ILE A 354 -15.43 -18.17 0.07
CA ILE A 354 -13.98 -18.10 -0.08
C ILE A 354 -13.20 -18.80 1.01
N ARG A 355 -13.82 -19.08 2.16
CA ARG A 355 -13.08 -19.71 3.26
C ARG A 355 -12.35 -21.03 2.89
N PRO A 356 -12.94 -21.91 2.05
CA PRO A 356 -12.22 -23.15 1.73
C PRO A 356 -10.87 -22.92 1.05
N GLU A 357 -10.73 -21.83 0.31
CA GLU A 357 -9.48 -21.55 -0.38
C GLU A 357 -8.64 -20.53 0.37
N PHE A 358 -9.16 -20.01 1.47
CA PHE A 358 -8.55 -18.83 2.09
C PHE A 358 -8.11 -19.13 3.52
N SER A 359 -8.97 -19.83 4.26
CA SER A 359 -8.76 -19.95 5.71
C SER A 359 -7.62 -20.86 6.09
N THR A 360 -6.88 -20.47 7.11
CA THR A 360 -5.77 -21.25 7.62
C THR A 360 -6.27 -22.45 8.41
N ALA A 361 -7.55 -22.41 8.79
CA ALA A 361 -8.15 -23.49 9.55
C ALA A 361 -9.52 -23.86 8.98
C1 EDO B . -20.98 -11.31 7.56
O1 EDO B . -19.61 -11.72 7.69
C2 EDO B . -21.02 -9.79 7.54
O2 EDO B . -20.24 -9.32 6.43
CL CL C . 9.17 23.00 -6.51
#